data_4FU8
#
_entry.id   4FU8
#
_cell.length_a   55.299
_cell.length_b   52.782
_cell.length_c   79.787
_cell.angle_alpha   90.000
_cell.angle_beta   90.000
_cell.angle_gamma   90.000
#
_symmetry.space_group_name_H-M   'P 21 21 21'
#
loop_
_entity.id
_entity.type
_entity.pdbx_description
1 polymer 'Urokinase-type plasminogen activator'
2 non-polymer naphthalene-2-carboximidamide
3 non-polymer 'ACETATE ION'
4 non-polymer 'SUCCINIC ACID'
5 non-polymer 'SULFATE ION'
6 water water
#
_entity_poly.entity_id   1
_entity_poly.type   'polypeptide(L)'
_entity_poly.pdbx_seq_one_letter_code
;IIGGEFTTIENQPWFAAIYRRHRGGSVTYVCGGSLISPCWVISATHCFIDYPKKEDYIVYLGRSRLNSNTQGEMKFEVEN
LILHKDYSADTLAHHNDIALLKIRSKEGRCAQPSRTIQTIALPSMYNDPQFGTSCEITGFGKEQSTDYLYPEQLKMTVVK
LISHRECQQPHYYGSEVTTKMLCAADPQWKTDSCQGDSGGPLVCSLQGRMTLTGIVSWGRGCALKDKPGVYTRVSHFLPW
IRSHTK
;
_entity_poly.pdbx_strand_id   A
#
loop_
_chem_comp.id
_chem_comp.type
_chem_comp.name
_chem_comp.formula
2UP non-polymer naphthalene-2-carboximidamide 'C11 H10 N2'
ACT non-polymer 'ACETATE ION' 'C2 H3 O2 -1'
SIN non-polymer 'SUCCINIC ACID' 'C4 H6 O4'
SO4 non-polymer 'SULFATE ION' 'O4 S -2'
#
# COMPACT_ATOMS: atom_id res chain seq x y z
N ILE A 1 0.84 11.16 2.11
CA ILE A 1 2.07 11.45 1.37
C ILE A 1 2.57 12.86 1.73
N ILE A 2 3.78 12.94 2.31
CA ILE A 2 4.46 14.20 2.66
C ILE A 2 5.11 14.69 1.37
N GLY A 3 4.84 15.94 1.00
CA GLY A 3 5.37 16.54 -0.23
C GLY A 3 4.82 15.86 -1.46
N GLY A 4 5.64 15.80 -2.51
CA GLY A 4 5.28 15.18 -3.78
C GLY A 4 4.30 15.99 -4.59
N GLU A 5 3.44 15.30 -5.36
CA GLU A 5 2.46 15.93 -6.25
C GLU A 5 1.07 15.32 -6.14
N PHE A 6 0.03 16.12 -6.42
CA PHE A 6 -1.36 15.65 -6.47
C PHE A 6 -1.55 14.90 -7.78
N THR A 7 -2.32 13.80 -7.76
CA THR A 7 -2.55 12.99 -8.97
C THR A 7 -3.99 12.50 -9.05
N THR A 8 -4.33 11.82 -10.16
CA THR A 8 -5.64 11.22 -10.42
C THR A 8 -5.43 9.70 -10.56
N ILE A 9 -6.51 8.92 -10.52
CA ILE A 9 -6.46 7.46 -10.60
C ILE A 9 -5.97 6.94 -11.97
N GLU A 10 -6.05 7.76 -13.05
CA GLU A 10 -5.59 7.31 -14.38
C GLU A 10 -4.06 7.08 -14.41
N ASN A 11 -3.31 7.76 -13.53
CA ASN A 11 -1.85 7.62 -13.41
C ASN A 11 -1.48 6.41 -12.55
N GLN A 12 -2.39 5.99 -11.64
CA GLN A 12 -2.22 4.83 -10.74
C GLN A 12 -3.49 3.94 -10.80
N PRO A 13 -3.80 3.27 -11.95
CA PRO A 13 -5.07 2.52 -12.06
C PRO A 13 -5.18 1.26 -11.19
N TRP A 14 -4.06 0.82 -10.60
CA TRP A 14 -4.00 -0.35 -9.73
C TRP A 14 -4.33 0.01 -8.27
N PHE A 15 -4.29 1.31 -7.92
CA PHE A 15 -4.54 1.78 -6.55
C PHE A 15 -5.98 1.54 -6.10
N ALA A 16 -6.12 0.93 -4.92
CA ALA A 16 -7.39 0.61 -4.29
C ALA A 16 -7.56 1.39 -2.99
N ALA A 17 -8.72 2.06 -2.85
CA ALA A 17 -9.07 2.83 -1.66
C ALA A 17 -9.95 1.98 -0.76
N ILE A 18 -9.46 1.66 0.45
CA ILE A 18 -10.17 0.78 1.40
C ILE A 18 -10.73 1.63 2.55
N TYR A 19 -12.04 1.48 2.80
CA TYR A 19 -12.81 2.18 3.82
C TYR A 19 -13.46 1.18 4.80
N ARG A 20 -13.95 1.66 5.97
CA ARG A 20 -14.61 0.81 6.95
C ARG A 20 -15.96 1.37 7.39
N ARG A 21 -16.99 0.52 7.42
CA ARG A 21 -18.34 0.82 7.89
C ARG A 21 -18.34 0.70 9.42
N HIS A 22 -18.59 1.80 10.11
CA HIS A 22 -18.65 1.81 11.58
C HIS A 22 -20.06 1.48 12.05
N ARG A 23 -20.21 1.04 13.31
CA ARG A 23 -21.50 0.76 13.91
C ARG A 23 -22.22 2.10 14.08
N GLY A 24 -23.28 2.29 13.30
CA GLY A 24 -24.06 3.52 13.27
C GLY A 24 -24.32 4.05 11.88
N GLY A 25 -23.42 3.74 10.95
CA GLY A 25 -23.54 4.14 9.55
C GLY A 25 -22.39 4.94 8.95
N SER A 26 -21.52 5.53 9.79
CA SER A 26 -20.40 6.35 9.33
C SER A 26 -19.31 5.49 8.65
N VAL A 27 -18.73 6.04 7.57
CA VAL A 27 -17.69 5.38 6.77
C VAL A 27 -16.42 6.25 6.80
N THR A 28 -15.28 5.64 7.19
CA THR A 28 -13.97 6.31 7.27
C THR A 28 -12.91 5.58 6.46
N TYR A 29 -11.90 6.31 5.96
CA TYR A 29 -10.79 5.74 5.19
C TYR A 29 -9.86 4.95 6.12
N VAL A 30 -9.41 3.78 5.64
CA VAL A 30 -8.54 2.90 6.42
C VAL A 30 -7.13 2.89 5.84
N CYS A 31 -6.95 2.28 4.66
CA CYS A 31 -5.65 2.09 4.02
C CYS A 31 -5.75 2.05 2.50
N GLY A 32 -4.59 2.07 1.86
CA GLY A 32 -4.44 1.92 0.42
C GLY A 32 -4.32 0.46 0.06
N GLY A 33 -4.40 0.17 -1.24
CA GLY A 33 -4.30 -1.18 -1.75
C GLY A 33 -3.88 -1.24 -3.20
N SER A 34 -3.58 -2.46 -3.69
CA SER A 34 -3.14 -2.66 -5.07
C SER A 34 -3.85 -3.85 -5.69
N LEU A 35 -4.41 -3.66 -6.89
CA LEU A 35 -5.08 -4.71 -7.64
C LEU A 35 -4.01 -5.55 -8.37
N ILE A 36 -3.87 -6.83 -7.99
CA ILE A 36 -2.88 -7.73 -8.58
C ILE A 36 -3.55 -8.68 -9.60
N SER A 37 -4.88 -8.84 -9.47
CA SER A 37 -5.74 -9.66 -10.32
C SER A 37 -7.18 -9.11 -10.19
N PRO A 38 -8.10 -9.30 -11.16
CA PRO A 38 -9.45 -8.71 -11.03
C PRO A 38 -10.21 -9.01 -9.73
N CYS A 39 -9.93 -10.17 -9.09
CA CYS A 39 -10.63 -10.56 -7.86
C CYS A 39 -9.82 -10.27 -6.60
N TRP A 40 -8.53 -9.92 -6.73
CA TRP A 40 -7.71 -9.75 -5.55
C TRP A 40 -7.03 -8.39 -5.42
N VAL A 41 -7.08 -7.87 -4.19
CA VAL A 41 -6.46 -6.62 -3.76
C VAL A 41 -5.45 -6.98 -2.65
N ILE A 42 -4.21 -6.49 -2.77
CA ILE A 42 -3.17 -6.75 -1.78
C ILE A 42 -2.95 -5.47 -0.94
N SER A 43 -2.80 -5.64 0.39
CA SER A 43 -2.61 -4.54 1.33
C SER A 43 -1.74 -5.00 2.53
N ALA A 44 -1.86 -4.34 3.70
CA ALA A 44 -1.12 -4.66 4.92
C ALA A 44 -2.07 -5.19 6.00
N THR A 45 -1.64 -6.22 6.77
CA THR A 45 -2.44 -6.84 7.83
C THR A 45 -2.72 -5.85 8.98
N HIS A 46 -1.76 -4.96 9.32
CA HIS A 46 -1.89 -3.98 10.42
C HIS A 46 -3.10 -3.05 10.21
N CYS A 47 -3.57 -2.92 8.96
CA CYS A 47 -4.73 -2.11 8.57
C CYS A 47 -6.04 -2.77 9.02
N PHE A 48 -6.05 -4.11 9.20
CA PHE A 48 -7.26 -4.87 9.49
C PHE A 48 -7.19 -5.77 10.74
N ILE A 49 -5.99 -5.99 11.33
CA ILE A 49 -5.81 -6.89 12.49
C ILE A 49 -6.73 -6.58 13.70
N ASP A 50 -7.00 -5.29 14.02
CA ASP A 50 -7.85 -4.91 15.15
C ASP A 50 -9.36 -5.03 14.83
N TYR A 51 -9.72 -4.98 13.53
CA TYR A 51 -11.10 -5.11 13.06
C TYR A 51 -11.12 -6.17 11.93
N PRO A 52 -10.98 -7.49 12.24
CA PRO A 52 -10.87 -8.50 11.17
C PRO A 52 -12.20 -8.96 10.57
N LYS A 53 -13.25 -8.13 10.65
CA LYS A 53 -14.58 -8.42 10.11
CA LYS A 53 -14.58 -8.41 10.10
C LYS A 53 -14.63 -7.95 8.66
N LYS A 54 -14.69 -8.91 7.70
CA LYS A 54 -14.70 -8.64 6.26
C LYS A 54 -15.91 -7.81 5.79
N GLU A 55 -17.08 -7.93 6.48
CA GLU A 55 -18.32 -7.22 6.16
C GLU A 55 -18.22 -5.71 6.41
N ASP A 56 -17.30 -5.30 7.30
CA ASP A 56 -17.08 -3.90 7.67
C ASP A 56 -16.42 -3.08 6.57
N TYR A 57 -15.69 -3.71 5.64
CA TYR A 57 -14.90 -2.98 4.65
C TYR A 57 -15.54 -2.78 3.28
N ILE A 58 -15.23 -1.61 2.70
CA ILE A 58 -15.61 -1.17 1.35
C ILE A 58 -14.32 -0.94 0.57
N VAL A 59 -14.24 -1.49 -0.66
CA VAL A 59 -13.07 -1.34 -1.53
C VAL A 59 -13.50 -0.64 -2.82
N TYR A 60 -12.77 0.43 -3.18
CA TYR A 60 -13.00 1.21 -4.39
C TYR A 60 -11.85 1.09 -5.36
N LEU A 61 -12.17 1.01 -6.66
CA LEU A 61 -11.22 1.00 -7.75
C LEU A 61 -11.63 2.09 -8.73
N GLY A 62 -10.66 2.82 -9.27
CA GLY A 62 -10.91 3.91 -10.19
C GLY A 62 -11.42 5.16 -9.49
N ARG A 63 -11.08 5.31 -8.20
CA ARG A 63 -11.47 6.44 -7.34
C ARG A 63 -10.29 7.41 -7.18
N SER A 64 -10.46 8.66 -7.61
CA SER A 64 -9.43 9.70 -7.56
C SER A 64 -9.47 10.56 -6.29
N ARG A 65 -10.66 10.68 -5.65
CA ARG A 65 -10.82 11.52 -4.46
C ARG A 65 -11.44 10.74 -3.30
N LEU A 66 -11.13 11.17 -2.06
CA LEU A 66 -11.57 10.57 -0.80
C LEU A 66 -13.09 10.60 -0.61
N ASN A 67 -13.77 11.69 -0.98
CA ASN A 67 -15.21 11.83 -0.81
C ASN A 67 -15.91 12.26 -2.12
N SER A 68 -15.50 11.65 -3.25
CA SER A 68 -16.10 11.91 -4.56
C SER A 68 -16.24 10.62 -5.34
N ASN A 69 -17.41 10.42 -5.96
CA ASN A 69 -17.68 9.24 -6.77
C ASN A 69 -17.15 9.51 -8.18
N THR A 70 -15.84 9.26 -8.37
CA THR A 70 -15.08 9.46 -9.62
C THR A 70 -15.76 8.71 -10.77
N GLN A 71 -15.87 9.34 -11.95
CA GLN A 71 -16.49 8.72 -13.12
C GLN A 71 -15.67 7.49 -13.55
N GLY A 72 -16.37 6.35 -13.62
CA GLY A 72 -15.79 5.07 -13.99
C GLY A 72 -15.34 4.21 -12.82
N GLU A 73 -15.56 4.69 -11.57
CA GLU A 73 -15.17 3.94 -10.37
C GLU A 73 -16.09 2.74 -10.14
N MET A 74 -15.57 1.73 -9.41
CA MET A 74 -16.28 0.50 -9.07
CA MET A 74 -16.32 0.52 -9.08
C MET A 74 -16.20 0.24 -7.58
N LYS A 75 -17.35 0.01 -6.92
CA LYS A 75 -17.47 -0.26 -5.49
C LYS A 75 -17.55 -1.77 -5.25
N PHE A 76 -16.83 -2.26 -4.21
CA PHE A 76 -16.79 -3.68 -3.88
C PHE A 76 -16.89 -3.99 -2.40
N GLU A 77 -17.28 -5.23 -2.10
CA GLU A 77 -17.34 -5.81 -0.77
C GLU A 77 -16.21 -6.83 -0.66
N VAL A 78 -15.76 -7.14 0.56
CA VAL A 78 -14.68 -8.10 0.75
C VAL A 78 -15.29 -9.50 0.94
N GLU A 79 -15.15 -10.35 -0.09
CA GLU A 79 -15.63 -11.73 -0.10
C GLU A 79 -14.79 -12.59 0.84
N ASN A 80 -13.48 -12.31 0.92
CA ASN A 80 -12.52 -13.02 1.75
C ASN A 80 -11.38 -12.10 2.16
N LEU A 81 -11.18 -11.94 3.47
CA LEU A 81 -10.12 -11.13 4.07
C LEU A 81 -9.07 -12.08 4.64
N ILE A 82 -7.94 -12.23 3.93
CA ILE A 82 -6.87 -13.12 4.34
C ILE A 82 -5.73 -12.30 4.94
N LEU A 83 -5.42 -12.56 6.21
CA LEU A 83 -4.35 -11.92 6.95
C LEU A 83 -3.22 -12.92 7.18
N HIS A 84 -1.95 -12.45 7.15
CA HIS A 84 -0.79 -13.33 7.36
C HIS A 84 -0.79 -13.85 8.80
N LYS A 85 -0.78 -15.18 8.96
CA LYS A 85 -0.82 -15.90 10.23
C LYS A 85 0.31 -15.49 11.20
N ASP A 86 1.51 -15.20 10.67
CA ASP A 86 2.66 -14.83 11.51
C ASP A 86 2.86 -13.30 11.62
N TYR A 87 1.78 -12.51 11.49
CA TYR A 87 1.84 -11.06 11.65
C TYR A 87 2.07 -10.68 13.11
N SER A 88 2.98 -9.72 13.34
CA SER A 88 3.29 -9.17 14.66
C SER A 88 3.80 -7.74 14.53
N ALA A 89 3.56 -6.91 15.57
CA ALA A 89 3.97 -5.52 15.56
C ALA A 89 4.77 -5.19 16.82
N ASP A 90 6.03 -4.78 16.63
CA ASP A 90 6.93 -4.36 17.71
C ASP A 90 6.71 -2.86 17.99
N THR A 91 7.70 -2.17 18.61
CA THR A 91 7.60 -0.72 18.92
C THR A 91 7.50 0.06 17.59
N LEU A 92 8.31 -0.32 16.59
CA LEU A 92 8.34 0.30 15.27
C LEU A 92 8.03 -0.72 14.18
N ALA A 93 8.82 -1.81 14.15
CA ALA A 93 8.78 -2.87 13.13
C ALA A 93 7.48 -3.66 13.12
N HIS A 94 6.95 -3.86 11.91
CA HIS A 94 5.76 -4.65 11.62
C HIS A 94 6.18 -5.85 10.79
N HIS A 95 5.97 -7.06 11.32
CA HIS A 95 6.39 -8.31 10.67
C HIS A 95 5.24 -8.95 9.92
N ASN A 96 5.53 -9.48 8.72
CA ASN A 96 4.60 -10.14 7.80
C ASN A 96 3.36 -9.26 7.57
N ASP A 97 3.61 -7.97 7.31
CA ASP A 97 2.60 -6.95 7.10
C ASP A 97 2.09 -7.01 5.66
N ILE A 98 1.34 -8.08 5.37
CA ILE A 98 0.77 -8.37 4.05
C ILE A 98 -0.61 -9.00 4.26
N ALA A 99 -1.60 -8.54 3.47
CA ALA A 99 -2.97 -9.03 3.52
C ALA A 99 -3.58 -9.09 2.13
N LEU A 100 -4.48 -10.06 1.90
CA LEU A 100 -5.18 -10.23 0.63
C LEU A 100 -6.67 -10.03 0.81
N LEU A 101 -7.28 -9.27 -0.09
CA LEU A 101 -8.71 -8.96 -0.05
C LEU A 101 -9.37 -9.45 -1.34
N LYS A 102 -10.20 -10.50 -1.23
CA LYS A 102 -10.95 -10.98 -2.39
C LYS A 102 -12.15 -10.06 -2.55
N ILE A 103 -12.16 -9.27 -3.63
CA ILE A 103 -13.21 -8.28 -3.89
C ILE A 103 -14.35 -8.86 -4.72
N ARG A 104 -15.56 -8.37 -4.45
CA ARG A 104 -16.79 -8.82 -5.08
C ARG A 104 -17.81 -7.67 -5.10
N SER A 105 -18.45 -7.45 -6.26
CA SER A 105 -19.49 -6.43 -6.40
C SER A 105 -20.81 -6.99 -5.84
N LYS A 106 -21.85 -6.15 -5.70
CA LYS A 106 -23.15 -6.59 -5.18
C LYS A 106 -23.82 -7.62 -6.13
N GLU A 107 -23.38 -7.65 -7.40
CA GLU A 107 -23.83 -8.58 -8.44
C GLU A 107 -22.97 -9.86 -8.44
N GLY A 108 -21.95 -9.90 -7.58
CA GLY A 108 -21.05 -11.03 -7.41
C GLY A 108 -19.91 -11.12 -8.40
N ARG A 109 -19.59 -10.00 -9.06
CA ARG A 109 -18.53 -9.93 -10.07
C ARG A 109 -17.27 -9.26 -9.54
N CYS A 110 -16.12 -9.62 -10.13
CA CYS A 110 -14.82 -9.05 -9.79
C CYS A 110 -14.60 -7.75 -10.58
N ALA A 111 -13.39 -7.17 -10.52
CA ALA A 111 -13.07 -5.92 -11.21
C ALA A 111 -13.10 -6.09 -12.74
N GLN A 112 -13.73 -5.11 -13.39
CA GLN A 112 -13.82 -5.03 -14.85
C GLN A 112 -12.70 -4.08 -15.30
N PRO A 113 -11.60 -4.61 -15.89
CA PRO A 113 -10.49 -3.72 -16.28
C PRO A 113 -10.88 -2.68 -17.34
N SER A 114 -10.44 -1.43 -17.12
CA SER A 114 -10.69 -0.28 -17.98
C SER A 114 -9.47 0.65 -18.01
N ARG A 115 -9.63 1.89 -18.47
CA ARG A 115 -8.57 2.88 -18.55
C ARG A 115 -8.12 3.33 -17.13
N THR A 116 -9.07 3.41 -16.18
CA THR A 116 -8.83 3.86 -14.81
C THR A 116 -8.74 2.69 -13.81
N ILE A 117 -9.01 1.44 -14.27
CA ILE A 117 -8.93 0.24 -13.43
C ILE A 117 -8.07 -0.81 -14.16
N GLN A 118 -6.83 -1.03 -13.66
CA GLN A 118 -5.87 -1.98 -14.23
CA GLN A 118 -5.86 -1.98 -14.22
C GLN A 118 -5.14 -2.73 -13.11
N THR A 119 -4.50 -3.86 -13.45
CA THR A 119 -3.75 -4.64 -12.47
C THR A 119 -2.28 -4.19 -12.48
N ILE A 120 -1.54 -4.49 -11.40
CA ILE A 120 -0.10 -4.21 -11.29
C ILE A 120 0.60 -5.56 -11.23
N ALA A 121 1.63 -5.74 -12.10
CA ALA A 121 2.38 -6.99 -12.17
C ALA A 121 3.18 -7.24 -10.90
N LEU A 122 3.16 -8.51 -10.45
CA LEU A 122 3.91 -8.95 -9.28
C LEU A 122 5.38 -9.09 -9.65
N PRO A 123 6.35 -8.87 -8.72
CA PRO A 123 7.76 -9.02 -9.09
C PRO A 123 8.16 -10.49 -9.22
N SER A 124 9.34 -10.75 -9.80
CA SER A 124 9.85 -12.11 -9.95
C SER A 124 10.73 -12.45 -8.74
N MET A 125 10.92 -13.75 -8.44
CA MET A 125 11.73 -14.23 -7.32
C MET A 125 13.18 -13.78 -7.44
N TYR A 126 13.77 -13.31 -6.32
CA TYR A 126 15.17 -12.85 -6.15
C TYR A 126 15.59 -11.77 -7.18
N ASN A 127 14.62 -11.00 -7.72
CA ASN A 127 14.90 -9.96 -8.71
C ASN A 127 14.23 -8.64 -8.31
N ASP A 128 14.84 -7.95 -7.34
CA ASP A 128 14.40 -6.65 -6.83
C ASP A 128 15.37 -5.57 -7.35
N PRO A 129 14.93 -4.30 -7.52
CA PRO A 129 15.87 -3.28 -8.02
C PRO A 129 16.96 -2.95 -6.99
N GLN A 130 18.16 -2.61 -7.47
CA GLN A 130 19.32 -2.25 -6.63
C GLN A 130 19.06 -0.94 -5.87
N PHE A 131 19.86 -0.66 -4.83
CA PHE A 131 19.75 0.57 -4.03
C PHE A 131 20.03 1.80 -4.91
N GLY A 132 19.27 2.87 -4.66
CA GLY A 132 19.39 4.11 -5.42
C GLY A 132 18.37 4.27 -6.53
N THR A 133 17.62 3.18 -6.85
CA THR A 133 16.59 3.15 -7.88
C THR A 133 15.38 3.97 -7.41
N SER A 134 14.90 4.87 -8.28
CA SER A 134 13.75 5.73 -8.01
C SER A 134 12.45 4.94 -8.19
N CYS A 135 11.60 4.97 -7.16
CA CYS A 135 10.32 4.25 -7.14
C CYS A 135 9.21 5.20 -6.70
N GLU A 136 7.98 4.94 -7.16
CA GLU A 136 6.82 5.77 -6.83
C GLU A 136 5.93 5.13 -5.76
N ILE A 137 5.30 5.99 -4.95
CA ILE A 137 4.36 5.61 -3.89
C ILE A 137 3.09 6.44 -4.06
N THR A 138 1.93 5.85 -3.75
CA THR A 138 0.62 6.50 -3.90
C THR A 138 -0.24 6.28 -2.65
N GLY A 139 -1.03 7.27 -2.30
CA GLY A 139 -1.94 7.18 -1.17
C GLY A 139 -2.72 8.44 -0.81
N PHE A 140 -3.71 8.26 0.08
CA PHE A 140 -4.57 9.32 0.61
C PHE A 140 -4.13 9.71 2.04
N GLY A 141 -2.93 9.30 2.43
CA GLY A 141 -2.37 9.55 3.76
C GLY A 141 -1.97 10.99 4.04
N LYS A 142 -1.65 11.27 5.32
CA LYS A 142 -1.27 12.59 5.85
C LYS A 142 -0.23 13.33 5.00
N GLU A 143 -0.45 14.64 4.83
CA GLU A 143 0.43 15.55 4.08
C GLU A 143 1.52 16.09 5.01
N GLN A 144 1.20 16.14 6.31
CA GLN A 144 2.07 16.56 7.42
C GLN A 144 1.78 15.64 8.61
N SER A 145 2.80 15.34 9.44
CA SER A 145 2.64 14.48 10.63
C SER A 145 1.66 15.07 11.64
N THR A 146 1.62 16.41 11.74
CA THR A 146 0.77 17.17 12.67
C THR A 146 -0.71 17.19 12.21
N ASP A 147 -1.00 16.87 10.93
CA ASP A 147 -2.37 16.83 10.42
C ASP A 147 -3.17 15.67 11.02
N TYR A 148 -4.48 15.85 11.20
CA TYR A 148 -5.36 14.79 11.70
C TYR A 148 -6.27 14.35 10.55
N LEU A 149 -6.49 15.24 9.57
CA LEU A 149 -7.30 14.97 8.38
C LEU A 149 -6.42 14.50 7.23
N TYR A 150 -7.02 13.75 6.30
CA TYR A 150 -6.36 13.22 5.11
C TYR A 150 -6.68 14.11 3.90
N PRO A 151 -5.75 14.27 2.91
CA PRO A 151 -6.06 15.09 1.73
C PRO A 151 -7.20 14.49 0.90
N GLU A 152 -8.02 15.38 0.31
CA GLU A 152 -9.17 15.01 -0.52
C GLU A 152 -8.71 14.37 -1.83
N GLN A 153 -7.70 14.95 -2.49
CA GLN A 153 -7.17 14.45 -3.75
C GLN A 153 -6.03 13.46 -3.51
N LEU A 154 -5.95 12.43 -4.38
CA LEU A 154 -4.91 11.39 -4.36
C LEU A 154 -3.53 12.03 -4.56
N LYS A 155 -2.52 11.53 -3.83
CA LYS A 155 -1.16 12.05 -3.92
C LYS A 155 -0.16 10.97 -4.30
N MET A 156 0.94 11.40 -4.94
CA MET A 156 2.05 10.54 -5.34
C MET A 156 3.38 11.27 -5.18
N THR A 157 4.46 10.51 -5.02
CA THR A 157 5.83 11.03 -4.92
C THR A 157 6.82 9.96 -5.35
N VAL A 158 8.09 10.36 -5.52
CA VAL A 158 9.18 9.48 -5.93
C VAL A 158 10.21 9.41 -4.79
N VAL A 159 10.56 8.18 -4.37
CA VAL A 159 11.55 7.90 -3.33
C VAL A 159 12.61 6.92 -3.88
N LYS A 160 13.84 6.96 -3.32
CA LYS A 160 14.91 6.07 -3.76
C LYS A 160 15.11 4.93 -2.79
N LEU A 161 15.35 3.71 -3.32
CA LEU A 161 15.57 2.51 -2.52
C LEU A 161 16.88 2.57 -1.76
N ILE A 162 16.84 2.17 -0.49
CA ILE A 162 17.98 2.16 0.43
C ILE A 162 18.33 0.70 0.72
N SER A 163 19.63 0.34 0.63
CA SER A 163 20.14 -1.01 0.89
C SER A 163 19.86 -1.44 2.34
N HIS A 164 19.83 -2.76 2.58
CA HIS A 164 19.58 -3.33 3.89
C HIS A 164 20.69 -2.95 4.89
N ARG A 165 21.96 -2.94 4.46
CA ARG A 165 23.12 -2.59 5.29
C ARG A 165 23.06 -1.13 5.75
N GLU A 166 22.59 -0.21 4.89
CA GLU A 166 22.45 1.22 5.20
C GLU A 166 21.29 1.44 6.17
N CYS A 167 20.17 0.72 5.98
CA CYS A 167 18.99 0.85 6.83
C CYS A 167 19.20 0.18 8.20
N GLN A 168 20.22 -0.71 8.33
CA GLN A 168 20.57 -1.41 9.57
C GLN A 168 21.58 -0.62 10.42
N GLN A 169 21.93 0.60 10.01
CA GLN A 169 22.87 1.46 10.74
C GLN A 169 22.23 1.94 12.06
N PRO A 170 23.02 2.17 13.16
CA PRO A 170 22.41 2.56 14.45
C PRO A 170 21.51 3.79 14.40
N HIS A 171 21.90 4.84 13.63
CA HIS A 171 21.09 6.07 13.50
C HIS A 171 19.86 5.86 12.61
N TYR A 172 19.82 4.74 11.86
CA TYR A 172 18.69 4.39 11.01
C TYR A 172 17.74 3.50 11.84
N TYR A 173 17.57 2.20 11.52
CA TYR A 173 16.67 1.35 12.31
C TYR A 173 17.38 0.20 13.04
N GLY A 174 18.69 0.04 12.82
CA GLY A 174 19.48 -1.00 13.45
C GLY A 174 19.02 -2.39 13.03
N SER A 175 18.99 -3.33 13.98
CA SER A 175 18.57 -4.72 13.72
C SER A 175 17.03 -4.87 13.64
N GLU A 176 16.26 -3.77 13.88
CA GLU A 176 14.78 -3.76 13.85
C GLU A 176 14.23 -4.00 12.43
N VAL A 177 14.97 -3.55 11.40
CA VAL A 177 14.59 -3.77 10.00
C VAL A 177 15.26 -5.08 9.53
N THR A 178 14.49 -5.96 8.89
CA THR A 178 14.98 -7.28 8.44
C THR A 178 15.09 -7.35 6.91
N THR A 179 15.64 -8.48 6.39
CA THR A 179 15.84 -8.75 4.96
C THR A 179 14.49 -8.94 4.24
N LYS A 180 13.40 -9.18 5.01
CA LYS A 180 12.04 -9.32 4.48
C LYS A 180 11.37 -7.94 4.29
N MET A 181 12.09 -6.88 4.68
CA MET A 181 11.64 -5.49 4.60
C MET A 181 12.54 -4.70 3.65
N LEU A 182 11.96 -3.69 2.98
CA LEU A 182 12.68 -2.83 2.06
C LEU A 182 12.55 -1.37 2.50
N CYS A 183 13.68 -0.66 2.54
CA CYS A 183 13.72 0.76 2.92
C CYS A 183 13.76 1.63 1.69
N ALA A 184 13.00 2.74 1.72
CA ALA A 184 12.94 3.73 0.65
C ALA A 184 12.65 5.10 1.24
N ALA A 185 13.39 6.12 0.78
CA ALA A 185 13.23 7.50 1.25
C ALA A 185 13.83 8.52 0.27
N ASP A 186 13.65 9.80 0.61
CA ASP A 186 14.20 10.94 -0.11
C ASP A 186 15.56 11.26 0.50
N PRO A 187 16.66 11.38 -0.30
CA PRO A 187 17.97 11.71 0.30
C PRO A 187 17.98 13.03 1.07
N GLN A 188 17.06 13.96 0.73
CA GLN A 188 16.93 15.27 1.38
C GLN A 188 15.87 15.26 2.51
N TRP A 189 15.18 14.11 2.72
CA TRP A 189 14.15 13.86 3.76
C TRP A 189 12.99 14.88 3.72
N LYS A 190 12.60 15.34 2.51
CA LYS A 190 11.51 16.30 2.34
C LYS A 190 10.20 15.60 1.97
N THR A 191 10.28 14.48 1.22
CA THR A 191 9.11 13.73 0.79
C THR A 191 9.16 12.28 1.33
N ASP A 192 7.98 11.71 1.63
CA ASP A 192 7.83 10.36 2.20
C ASP A 192 6.35 9.94 2.25
N SER A 193 6.11 8.66 2.57
CA SER A 193 4.77 8.14 2.84
C SER A 193 4.51 8.40 4.32
N CYS A 194 3.25 8.36 4.76
CA CYS A 194 2.90 8.66 6.15
C CYS A 194 1.67 7.86 6.60
N GLN A 195 1.13 8.19 7.78
CA GLN A 195 -0.07 7.57 8.36
C GLN A 195 -1.25 7.75 7.40
N GLY A 196 -1.83 6.62 6.97
CA GLY A 196 -2.92 6.60 6.00
C GLY A 196 -2.51 6.06 4.65
N ASP A 197 -1.19 6.07 4.36
CA ASP A 197 -0.64 5.55 3.10
C ASP A 197 -0.37 4.05 3.21
N SER A 198 -0.44 3.50 4.44
CA SER A 198 -0.22 2.09 4.76
C SER A 198 -1.03 1.16 3.85
N GLY A 199 -0.43 0.04 3.47
CA GLY A 199 -1.05 -0.94 2.58
C GLY A 199 -0.93 -0.58 1.10
N GLY A 200 -0.57 0.67 0.83
CA GLY A 200 -0.42 1.23 -0.51
C GLY A 200 0.76 0.70 -1.31
N PRO A 201 0.79 0.96 -2.63
CA PRO A 201 1.88 0.42 -3.46
C PRO A 201 3.18 1.24 -3.48
N LEU A 202 4.29 0.51 -3.66
CA LEU A 202 5.63 1.01 -3.93
C LEU A 202 5.98 0.37 -5.26
N VAL A 203 5.79 1.13 -6.35
CA VAL A 203 5.97 0.63 -7.71
C VAL A 203 7.32 1.07 -8.26
N CYS A 204 8.12 0.09 -8.72
CA CYS A 204 9.44 0.30 -9.30
C CYS A 204 9.43 -0.16 -10.74
N SER A 205 10.07 0.63 -11.63
CA SER A 205 10.21 0.24 -13.03
C SER A 205 11.53 -0.50 -13.13
N LEU A 206 11.45 -1.84 -13.30
CA LEU A 206 12.63 -2.69 -13.39
C LEU A 206 12.62 -3.44 -14.72
N GLN A 207 13.69 -3.23 -15.52
CA GLN A 207 13.94 -3.84 -16.83
C GLN A 207 12.80 -3.50 -17.83
N GLY A 208 12.29 -2.27 -17.74
CA GLY A 208 11.22 -1.74 -18.58
C GLY A 208 9.81 -2.08 -18.13
N ARG A 209 9.67 -2.94 -17.12
CA ARG A 209 8.37 -3.38 -16.59
C ARG A 209 8.07 -2.73 -15.23
N MET A 210 6.84 -2.21 -15.07
CA MET A 210 6.34 -1.61 -13.82
C MET A 210 5.91 -2.74 -12.91
N THR A 211 6.47 -2.81 -11.69
CA THR A 211 6.13 -3.92 -10.78
C THR A 211 5.86 -3.44 -9.35
N LEU A 212 5.02 -4.21 -8.62
CA LEU A 212 4.67 -3.95 -7.23
C LEU A 212 5.80 -4.49 -6.35
N THR A 213 6.82 -3.65 -6.11
CA THR A 213 8.01 -4.02 -5.33
C THR A 213 7.72 -4.00 -3.82
N GLY A 214 6.94 -3.02 -3.37
CA GLY A 214 6.64 -2.89 -1.95
C GLY A 214 5.22 -2.53 -1.58
N ILE A 215 4.92 -2.66 -0.28
CA ILE A 215 3.66 -2.34 0.38
C ILE A 215 4.00 -1.46 1.59
N VAL A 216 3.41 -0.25 1.67
CA VAL A 216 3.65 0.70 2.78
C VAL A 216 3.32 0.00 4.11
N SER A 217 4.33 -0.13 4.98
CA SER A 217 4.19 -0.83 6.26
C SER A 217 4.41 0.08 7.47
N TRP A 218 5.66 0.53 7.74
CA TRP A 218 5.96 1.34 8.91
C TRP A 218 7.12 2.32 8.69
N GLY A 219 7.41 3.12 9.73
CA GLY A 219 8.48 4.10 9.75
C GLY A 219 8.42 4.99 10.99
N ARG A 220 9.60 5.44 11.47
CA ARG A 220 9.68 6.33 12.62
C ARG A 220 9.34 7.74 12.15
N GLY A 221 8.13 8.19 12.50
CA GLY A 221 7.60 9.48 12.09
C GLY A 221 7.38 9.52 10.59
N CYS A 222 7.38 10.73 10.01
CA CYS A 222 7.18 10.91 8.56
C CYS A 222 8.18 11.95 8.04
N ALA A 223 8.98 11.56 7.03
CA ALA A 223 10.03 12.34 6.36
C ALA A 223 11.10 12.84 7.37
N LEU A 224 11.42 12.00 8.37
CA LEU A 224 12.42 12.32 9.39
C LEU A 224 13.80 11.86 8.96
N LYS A 225 14.84 12.66 9.28
CA LYS A 225 16.25 12.39 8.97
C LYS A 225 16.68 11.01 9.51
N ASP A 226 17.29 10.19 8.64
CA ASP A 226 17.78 8.83 8.89
C ASP A 226 16.66 7.88 9.31
N LYS A 227 15.40 8.21 8.97
CA LYS A 227 14.24 7.39 9.30
C LYS A 227 13.44 7.11 8.00
N PRO A 228 13.91 6.17 7.15
CA PRO A 228 13.20 5.90 5.89
C PRO A 228 11.86 5.20 6.07
N GLY A 229 11.10 5.15 4.98
CA GLY A 229 9.85 4.42 4.93
C GLY A 229 10.18 2.96 4.78
N VAL A 230 9.52 2.08 5.57
CA VAL A 230 9.79 0.65 5.50
C VAL A 230 8.61 -0.02 4.82
N TYR A 231 8.92 -0.83 3.80
CA TYR A 231 7.94 -1.49 2.96
C TYR A 231 8.10 -2.99 2.99
N THR A 232 6.96 -3.71 2.90
CA THR A 232 6.92 -5.17 2.85
C THR A 232 7.51 -5.60 1.49
N ARG A 233 8.59 -6.39 1.51
CA ARG A 233 9.24 -6.86 0.28
C ARG A 233 8.38 -7.97 -0.32
N VAL A 234 7.57 -7.61 -1.33
CA VAL A 234 6.59 -8.45 -2.03
C VAL A 234 7.24 -9.71 -2.64
N SER A 235 8.46 -9.59 -3.23
CA SER A 235 9.21 -10.67 -3.87
C SER A 235 9.41 -11.90 -2.95
N HIS A 236 9.53 -11.68 -1.62
CA HIS A 236 9.69 -12.75 -0.64
C HIS A 236 8.38 -13.52 -0.43
N PHE A 237 7.24 -12.81 -0.45
CA PHE A 237 5.91 -13.35 -0.17
C PHE A 237 5.20 -13.94 -1.41
N LEU A 238 5.91 -14.07 -2.55
CA LEU A 238 5.35 -14.65 -3.78
C LEU A 238 4.77 -16.08 -3.56
N PRO A 239 5.41 -17.03 -2.81
CA PRO A 239 4.76 -18.34 -2.60
C PRO A 239 3.49 -18.22 -1.75
N TRP A 240 3.46 -17.27 -0.80
CA TRP A 240 2.31 -17.00 0.08
C TRP A 240 1.16 -16.38 -0.73
N ILE A 241 1.47 -15.40 -1.61
CA ILE A 241 0.47 -14.73 -2.47
C ILE A 241 -0.18 -15.76 -3.41
N ARG A 242 0.63 -16.59 -4.08
CA ARG A 242 0.18 -17.63 -5.02
C ARG A 242 -0.74 -18.65 -4.33
N SER A 243 -0.33 -19.19 -3.17
CA SER A 243 -1.09 -20.21 -2.43
C SER A 243 -2.44 -19.70 -1.89
N HIS A 244 -2.50 -18.44 -1.45
CA HIS A 244 -3.73 -17.88 -0.88
C HIS A 244 -4.68 -17.29 -1.96
N THR A 245 -4.23 -17.19 -3.24
CA THR A 245 -5.08 -16.68 -4.33
C THR A 245 -5.54 -17.82 -5.26
N LYS A 246 -4.96 -19.03 -5.12
CA LYS A 246 -5.30 -20.21 -5.91
C LYS A 246 -6.71 -20.73 -5.57
CAI 2UP B . 5.18 6.39 8.49
CAM 2UP B . 4.06 5.84 9.09
CAG 2UP B . 3.52 6.41 10.25
CAD 2UP B . 2.39 5.86 10.85
CAC 2UP B . 1.79 4.73 10.30
CAF 2UP B . 2.32 4.13 9.14
CAL 2UP B . 3.45 4.69 8.54
CAH 2UP B . 3.99 4.12 7.38
CAE 2UP B . 5.13 4.67 6.78
CAK 2UP B . 5.74 5.81 7.34
CAJ 2UP B . 6.87 6.38 6.74
NAB 2UP B . 7.02 6.33 5.41
NAA 2UP B . 7.79 7.00 7.45
C ACT C . -2.20 3.65 9.17
O ACT C . -1.44 4.22 8.41
OXT ACT C . -1.96 2.50 9.51
CH3 ACT C . -3.41 4.34 9.71
C1 SIN D . 7.79 -3.93 21.49
O1 SIN D . 8.59 -3.85 20.60
O2 SIN D . 8.10 -4.70 22.51
C2 SIN D . 6.48 -3.18 21.46
C3 SIN D . 5.35 -4.06 20.95
C4 SIN D . 4.08 -3.24 20.82
O3 SIN D . 3.45 -3.26 19.79
O4 SIN D . 3.65 -2.48 21.84
C ACT E . -16.18 1.62 15.67
O ACT E . -15.01 1.58 15.98
OXT ACT E . -16.76 2.69 15.60
CH3 ACT E . -16.93 0.34 15.38
S SO4 F . 10.71 -10.86 10.00
O1 SO4 F . 9.86 -12.05 9.88
O2 SO4 F . 11.26 -10.78 11.34
O3 SO4 F . 11.82 -10.96 9.04
O4 SO4 F . 9.93 -9.65 9.72
S SO4 G . 13.79 -14.48 -0.40
O1 SO4 G . 12.77 -15.54 -0.58
O2 SO4 G . 15.12 -15.09 -0.34
O3 SO4 G . 13.72 -13.54 -1.51
O4 SO4 G . 13.53 -13.77 0.85
S SO4 H . 8.55 -16.54 6.14
O1 SO4 H . 9.28 -17.34 5.15
O2 SO4 H . 7.60 -17.39 6.86
O3 SO4 H . 9.50 -15.95 7.10
O4 SO4 H . 7.82 -15.46 5.47
S SO4 I . 12.35 -2.57 20.21
O1 SO4 I . 11.63 -1.89 21.29
O2 SO4 I . 11.53 -2.55 18.98
O3 SO4 I . 13.62 -1.90 19.96
O4 SO4 I . 12.59 -3.96 20.60
#